data_4LOI
#
_entry.id   4LOI
#
_cell.length_a   93.948
_cell.length_b   116.408
_cell.length_c   36.164
_cell.angle_alpha   90.00
_cell.angle_beta   90.00
_cell.angle_gamma   90.00
#
_symmetry.space_group_name_H-M   'P 21 21 2'
#
loop_
_entity.id
_entity.type
_entity.pdbx_description
1 polymer 'Stimulator of interferon genes protein'
2 non-polymer 'PHOSPHATE ION'
3 non-polymer 2-amino-9-[(1R,3R,6R,8R,9R,11S,14R,16R,17R,18R)-16-(6-amino-9H-purin-9-yl)-3,11,17,18-tetrahydroxy-3,11-dioxido-2,4,7,10,12,15-hexaoxa-3,11-diphosphatricyclo[12.2.1.1~6,9~]octadec-8-yl]-1,9-dihydro-6H-purin-6-one
4 water water
#
_entity_poly.entity_id   1
_entity_poly.type   'polypeptide(L)'
_entity_poly.pdbx_seq_one_letter_code
;SVAHGLAWSYYIGYLRLILPELQARIRTYNQHYNNLLRGAVSQRLYILLPLDCGVPDNLSMADPNIRFLDKLPQQTGDHA
GIKDRVYSNSIYELLENGQRAGTCVLEYATPLQTLFAMSQYSQAGFSREDRLEQAKLFCRTLEDILADAPESQNNCRLIA
YQEPADDSSFSLSQEVLRHLRQEEKEEV
;
_entity_poly.pdbx_strand_id   A,B
#
loop_
_chem_comp.id
_chem_comp.type
_chem_comp.name
_chem_comp.formula
1YC non-polymer 2-amino-9-[(1R,3R,6R,8R,9R,11S,14R,16R,17R,18R)-16-(6-amino-9H-purin-9-yl)-3,11,17,18-tetrahydroxy-3,11-dioxido-2,4,7,10,12,15-hexaoxa-3,11-diphosphatricyclo[12.2.1.1~6,9~]octadec-8-yl]-1,9-dihydro-6H-purin-6-one 'C20 H24 N10 O13 P2'
PO4 non-polymer 'PHOSPHATE ION' 'O4 P -3'
#
# COMPACT_ATOMS: atom_id res chain seq x y z
N SER A 1 -6.90 11.80 13.59
CA SER A 1 -7.94 11.76 12.53
C SER A 1 -7.57 10.69 11.50
N VAL A 2 -8.56 10.32 10.70
CA VAL A 2 -8.35 9.37 9.63
C VAL A 2 -7.28 9.90 8.65
N ALA A 3 -7.39 11.17 8.23
CA ALA A 3 -6.46 11.76 7.27
C ALA A 3 -5.01 11.83 7.76
N HIS A 4 -4.83 12.10 9.03
CA HIS A 4 -3.48 12.17 9.61
C HIS A 4 -2.72 10.89 9.40
N GLY A 5 -3.35 9.77 9.74
CA GLY A 5 -2.80 8.45 9.53
C GLY A 5 -2.52 8.17 8.06
N LEU A 6 -3.51 8.43 7.21
CA LEU A 6 -3.33 8.17 5.75
C LEU A 6 -2.21 8.98 5.11
N ALA A 7 -2.06 10.23 5.50
CA ALA A 7 -1.02 11.07 4.93
C ALA A 7 0.35 10.58 5.35
N TRP A 8 0.53 10.28 6.62
CA TRP A 8 1.79 9.68 7.11
C TRP A 8 2.07 8.35 6.48
N SER A 9 1.02 7.56 6.24
CA SER A 9 1.19 6.29 5.59
C SER A 9 1.70 6.41 4.19
N TYR A 10 1.14 7.39 3.45
CA TYR A 10 1.46 7.60 2.04
C TYR A 10 2.87 8.16 1.94
N TYR A 11 3.25 8.99 2.85
CA TYR A 11 4.65 9.52 2.86
C TYR A 11 5.64 8.44 3.29
N ILE A 12 5.42 7.85 4.44
CA ILE A 12 6.35 6.83 4.97
C ILE A 12 6.48 5.59 4.11
N GLY A 13 5.34 5.05 3.68
CA GLY A 13 5.27 3.78 3.00
C GLY A 13 5.27 3.85 1.48
N TYR A 14 5.39 5.05 0.92
CA TYR A 14 5.39 5.16 -0.51
C TYR A 14 6.28 6.29 -1.03
N LEU A 15 5.91 7.54 -0.82
CA LEU A 15 6.70 8.65 -1.39
C LEU A 15 8.16 8.64 -0.93
N ARG A 16 8.41 8.43 0.36
CA ARG A 16 9.77 8.38 0.93
C ARG A 16 10.57 7.26 0.29
N LEU A 17 9.89 6.22 -0.17
CA LEU A 17 10.55 5.11 -0.81
C LEU A 17 10.79 5.33 -2.28
N ILE A 18 9.83 5.93 -3.00
CA ILE A 18 10.01 6.04 -4.43
C ILE A 18 10.61 7.36 -4.94
N LEU A 19 10.41 8.47 -4.27
CA LEU A 19 10.87 9.74 -4.76
C LEU A 19 12.44 9.84 -4.78
N PRO A 20 13.15 9.31 -3.77
CA PRO A 20 14.63 9.41 -3.90
C PRO A 20 15.22 8.66 -5.09
N GLU A 21 14.48 7.76 -5.69
CA GLU A 21 14.99 6.97 -6.77
C GLU A 21 14.34 7.32 -8.07
N LEU A 22 13.38 8.23 -8.02
CA LEU A 22 12.58 8.51 -9.20
C LEU A 22 13.46 9.15 -10.29
N GLN A 23 14.24 10.14 -9.90
CA GLN A 23 15.08 10.89 -10.86
C GLN A 23 15.88 9.88 -11.68
N ALA A 24 16.44 8.86 -11.02
CA ALA A 24 17.25 7.84 -11.69
C ALA A 24 16.47 6.90 -12.60
N ARG A 25 15.29 6.44 -12.17
CA ARG A 25 14.48 5.55 -13.02
C ARG A 25 14.04 6.22 -14.33
N ILE A 26 13.82 7.52 -14.27
CA ILE A 26 13.43 8.28 -15.44
C ILE A 26 14.64 8.34 -16.41
N ARG A 27 15.87 8.46 -15.89
CA ARG A 27 17.11 8.40 -16.74
C ARG A 27 17.22 7.05 -17.46
N THR A 28 17.21 5.96 -16.71
CA THR A 28 17.13 4.62 -17.29
C THR A 28 16.06 4.57 -18.37
N TYR A 29 14.98 5.33 -18.19
CA TYR A 29 13.96 5.39 -19.21
C TYR A 29 14.37 6.37 -20.34
N ASN A 30 14.75 7.58 -19.96
CA ASN A 30 14.97 8.68 -20.90
C ASN A 30 16.31 8.45 -21.53
N GLN A 31 16.34 8.38 -22.85
CA GLN A 31 17.55 8.08 -23.60
C GLN A 31 17.92 6.58 -23.55
N HIS A 32 17.04 5.73 -23.01
CA HIS A 32 17.29 4.27 -23.02
C HIS A 32 15.98 3.50 -23.10
N ARG A 38 8.07 11.56 -28.84
CA ARG A 38 8.84 10.78 -27.88
C ARG A 38 10.30 11.21 -27.98
N GLY A 39 10.69 12.22 -27.19
CA GLY A 39 9.86 12.87 -26.15
C GLY A 39 10.43 12.68 -24.73
N ALA A 40 11.00 13.74 -24.19
CA ALA A 40 11.49 13.69 -22.82
C ALA A 40 10.31 13.76 -21.85
N VAL A 41 10.34 12.86 -20.88
CA VAL A 41 9.36 12.83 -19.80
C VAL A 41 9.77 13.85 -18.71
N SER A 42 8.78 14.57 -18.18
CA SER A 42 9.02 15.47 -17.05
C SER A 42 9.71 14.71 -15.92
N GLN A 43 10.49 15.41 -15.12
CA GLN A 43 11.26 14.86 -14.00
C GLN A 43 10.50 14.58 -12.68
N ARG A 44 9.25 14.95 -12.61
CA ARG A 44 8.59 14.88 -11.32
C ARG A 44 7.43 13.93 -11.40
N LEU A 45 7.06 13.39 -10.24
CA LEU A 45 5.90 12.53 -10.21
C LEU A 45 4.70 13.48 -10.00
N TYR A 46 3.75 13.39 -10.89
CA TYR A 46 2.54 14.22 -10.78
C TYR A 46 1.44 13.38 -10.06
N ILE A 47 0.99 13.89 -8.92
CA ILE A 47 0.01 13.24 -8.09
C ILE A 47 -1.31 14.04 -8.06
N LEU A 48 -2.36 13.39 -8.54
CA LEU A 48 -3.66 13.98 -8.68
C LEU A 48 -4.44 13.78 -7.35
N LEU A 49 -5.00 14.87 -6.82
CA LEU A 49 -5.74 14.85 -5.57
C LEU A 49 -7.17 15.39 -5.79
N PRO A 50 -8.02 14.60 -6.44
CA PRO A 50 -9.40 14.98 -6.56
C PRO A 50 -10.12 15.00 -5.23
N LEU A 51 -10.62 16.15 -4.83
CA LEU A 51 -11.18 16.24 -3.45
C LEU A 51 -12.48 15.43 -3.32
N ASP A 52 -13.14 15.14 -4.44
CA ASP A 52 -14.29 14.28 -4.37
C ASP A 52 -13.95 12.80 -4.22
N CYS A 53 -12.66 12.49 -4.21
CA CYS A 53 -12.10 11.16 -4.00
C CYS A 53 -12.52 10.19 -5.09
N GLY A 54 -12.78 10.73 -6.28
CA GLY A 54 -13.14 9.92 -7.43
C GLY A 54 -11.88 9.50 -8.09
N VAL A 55 -11.49 8.23 -7.91
CA VAL A 55 -10.24 7.69 -8.41
C VAL A 55 -10.49 6.47 -9.32
N PRO A 56 -10.56 6.70 -10.65
CA PRO A 56 -10.85 5.57 -11.51
C PRO A 56 -9.60 4.70 -11.69
N ASP A 57 -9.77 3.40 -11.90
CA ASP A 57 -8.64 2.52 -12.22
C ASP A 57 -7.89 3.05 -13.44
N ASN A 58 -8.60 3.60 -14.42
CA ASN A 58 -7.98 4.12 -15.60
C ASN A 58 -8.14 5.62 -15.85
N LEU A 59 -7.01 6.35 -15.94
CA LEU A 59 -7.02 7.81 -16.16
C LEU A 59 -7.77 8.23 -17.39
N SER A 60 -7.78 7.40 -18.44
CA SER A 60 -8.46 7.77 -19.65
C SER A 60 -9.97 7.85 -19.40
N MET A 61 -10.43 7.16 -18.34
CA MET A 61 -11.80 7.30 -17.88
C MET A 61 -12.10 8.70 -17.38
N ALA A 62 -11.11 9.35 -16.80
CA ALA A 62 -11.27 10.66 -16.25
C ALA A 62 -11.25 11.66 -17.39
N ASP A 63 -10.40 11.40 -18.38
CA ASP A 63 -10.25 12.29 -19.54
C ASP A 63 -9.61 11.48 -20.68
N PRO A 64 -10.31 11.35 -21.83
CA PRO A 64 -9.79 10.50 -22.94
C PRO A 64 -8.55 11.07 -23.65
N ASN A 65 -8.21 12.32 -23.36
CA ASN A 65 -6.97 12.90 -23.78
C ASN A 65 -5.74 12.54 -22.89
N ILE A 66 -5.95 11.70 -21.89
CA ILE A 66 -4.85 11.16 -21.12
C ILE A 66 -4.80 9.70 -21.51
N ARG A 67 -3.68 9.30 -22.11
CA ARG A 67 -3.50 7.94 -22.59
C ARG A 67 -2.22 7.31 -22.11
N PHE A 68 -2.32 6.08 -21.63
CA PHE A 68 -1.15 5.36 -21.16
C PHE A 68 -0.13 5.23 -22.31
N LEU A 69 1.15 5.42 -22.00
CA LEU A 69 2.22 5.30 -22.95
C LEU A 69 3.12 4.14 -22.57
N ASP A 70 3.63 4.14 -21.34
CA ASP A 70 4.59 3.15 -20.96
C ASP A 70 4.74 3.09 -19.46
N LYS A 71 5.38 2.04 -18.97
CA LYS A 71 5.77 1.92 -17.57
C LYS A 71 7.22 2.30 -17.38
N LEU A 72 7.53 3.02 -16.34
CA LEU A 72 8.89 3.13 -15.86
C LEU A 72 9.40 1.74 -15.44
N PRO A 73 10.73 1.56 -15.44
CA PRO A 73 11.23 0.29 -14.85
C PRO A 73 10.69 0.13 -13.42
N GLN A 74 10.37 -1.11 -13.04
CA GLN A 74 9.90 -1.41 -11.68
C GLN A 74 10.96 -1.10 -10.64
N GLN A 75 10.52 -0.62 -9.47
CA GLN A 75 11.38 -0.51 -8.32
C GLN A 75 10.95 -1.63 -7.39
N THR A 76 11.91 -2.45 -6.97
CA THR A 76 11.60 -3.57 -6.07
C THR A 76 12.45 -3.52 -4.82
N GLY A 77 11.93 -4.04 -3.71
CA GLY A 77 12.70 -4.04 -2.46
C GLY A 77 11.94 -4.77 -1.37
N ASP A 78 12.68 -5.23 -0.38
CA ASP A 78 12.07 -5.93 0.77
C ASP A 78 11.43 -4.92 1.71
N HIS A 79 10.18 -5.15 2.08
CA HIS A 79 9.46 -4.30 3.04
C HIS A 79 8.48 -5.18 3.81
N ALA A 80 8.69 -5.29 5.14
CA ALA A 80 7.73 -5.93 6.05
C ALA A 80 7.42 -7.43 5.77
N GLY A 81 8.45 -8.15 5.38
CA GLY A 81 8.32 -9.57 5.16
C GLY A 81 7.85 -9.99 3.80
N ILE A 82 7.60 -8.97 2.96
CA ILE A 82 7.28 -9.19 1.58
C ILE A 82 8.61 -8.98 0.88
N LYS A 83 9.13 -10.10 0.39
CA LYS A 83 10.35 -10.14 -0.36
C LYS A 83 10.02 -9.53 -1.73
N ASP A 84 10.84 -8.58 -2.17
CA ASP A 84 10.74 -8.09 -3.55
C ASP A 84 9.35 -7.51 -3.82
N ARG A 85 8.91 -6.70 -2.88
CA ARG A 85 7.77 -5.84 -3.13
C ARG A 85 8.08 -4.93 -4.32
N VAL A 86 7.11 -4.83 -5.21
CA VAL A 86 7.25 -4.06 -6.45
C VAL A 86 6.46 -2.79 -6.38
N TYR A 87 7.11 -1.69 -6.75
CA TYR A 87 6.41 -0.41 -6.92
C TYR A 87 6.52 -0.01 -8.39
N SER A 88 5.39 0.23 -9.04
CA SER A 88 5.42 0.61 -10.44
C SER A 88 4.74 1.94 -10.72
N ASN A 89 5.23 2.65 -11.72
CA ASN A 89 4.64 3.97 -12.06
C ASN A 89 4.49 4.01 -13.57
N SER A 90 3.45 4.70 -14.03
CA SER A 90 3.06 4.74 -15.43
C SER A 90 3.32 6.12 -16.02
N ILE A 91 3.74 6.14 -17.30
CA ILE A 91 3.89 7.35 -18.07
C ILE A 91 2.72 7.51 -19.02
N TYR A 92 2.18 8.72 -19.04
CA TYR A 92 0.99 9.02 -19.85
C TYR A 92 1.36 10.18 -20.81
N GLU A 93 0.73 10.16 -21.95
CA GLU A 93 0.74 11.27 -22.84
C GLU A 93 -0.54 12.07 -22.61
N LEU A 94 -0.44 13.37 -22.82
CA LEU A 94 -1.57 14.26 -22.70
C LEU A 94 -1.79 14.82 -24.11
N LEU A 95 -2.93 14.53 -24.68
CA LEU A 95 -3.28 14.99 -26.03
C LEU A 95 -4.01 16.31 -26.01
N GLU A 96 -3.75 17.12 -27.04
CA GLU A 96 -4.37 18.41 -27.31
C GLU A 96 -4.65 18.42 -28.80
N ASN A 97 -5.92 18.54 -29.18
CA ASN A 97 -6.37 18.41 -30.55
C ASN A 97 -5.91 17.11 -31.19
N GLY A 98 -6.05 16.02 -30.47
CA GLY A 98 -5.71 14.68 -30.97
C GLY A 98 -4.23 14.39 -31.07
N GLN A 99 -3.36 15.31 -30.68
CA GLN A 99 -1.92 15.07 -30.77
C GLN A 99 -1.25 15.30 -29.44
N ARG A 100 -0.12 14.62 -29.26
CA ARG A 100 0.62 14.64 -28.01
C ARG A 100 1.16 15.99 -27.73
N ALA A 101 0.84 16.51 -26.53
CA ALA A 101 1.33 17.79 -26.09
C ALA A 101 2.30 17.68 -24.99
N GLY A 102 2.26 16.57 -24.25
CA GLY A 102 3.20 16.40 -23.17
C GLY A 102 3.13 14.94 -22.69
N THR A 103 4.10 14.57 -21.91
CA THR A 103 4.13 13.26 -21.25
C THR A 103 4.67 13.42 -19.83
N CYS A 104 4.11 12.64 -18.90
CA CYS A 104 4.63 12.71 -17.54
C CYS A 104 4.26 11.45 -16.78
N VAL A 105 4.94 11.28 -15.66
CA VAL A 105 4.62 10.17 -14.77
C VAL A 105 3.43 10.68 -13.90
N LEU A 106 2.33 10.02 -13.97
CA LEU A 106 1.08 10.56 -13.44
C LEU A 106 0.33 9.46 -12.70
N GLU A 107 -0.28 9.82 -11.57
CA GLU A 107 -1.17 8.88 -10.87
C GLU A 107 -2.03 9.63 -9.84
N TYR A 108 -3.11 8.99 -9.42
CA TYR A 108 -3.94 9.51 -8.33
C TYR A 108 -3.28 9.13 -7.01
N ALA A 109 -3.46 9.96 -6.00
CA ALA A 109 -3.07 9.64 -4.66
C ALA A 109 -3.98 8.49 -4.14
N THR A 110 -3.39 7.32 -3.95
CA THR A 110 -4.16 6.14 -3.53
C THR A 110 -4.96 6.26 -2.22
N PRO A 111 -4.50 7.02 -1.22
CA PRO A 111 -5.35 7.08 -0.01
C PRO A 111 -6.76 7.68 -0.27
N LEU A 112 -6.91 8.47 -1.33
CA LEU A 112 -8.21 9.04 -1.64
C LEU A 112 -9.23 7.96 -2.02
N GLN A 113 -8.76 6.86 -2.59
CA GLN A 113 -9.65 5.65 -2.74
C GLN A 113 -10.11 5.05 -1.46
N THR A 114 -9.28 5.04 -0.42
CA THR A 114 -9.68 4.61 0.91
C THR A 114 -10.77 5.53 1.49
N LEU A 115 -10.65 6.84 1.31
CA LEU A 115 -11.64 7.75 1.83
C LEU A 115 -12.94 7.51 1.11
N PHE A 116 -12.86 7.33 -0.19
CA PHE A 116 -14.10 7.05 -0.96
C PHE A 116 -14.77 5.79 -0.48
N ALA A 117 -14.02 4.73 -0.44
CA ALA A 117 -14.58 3.42 0.01
C ALA A 117 -15.07 3.46 1.45
N MET A 118 -14.42 4.18 2.36
CA MET A 118 -14.95 4.34 3.70
C MET A 118 -16.27 5.05 3.72
N SER A 119 -16.46 6.01 2.82
CA SER A 119 -17.73 6.71 2.79
C SER A 119 -18.82 5.77 2.27
N GLN A 120 -18.44 4.73 1.59
CA GLN A 120 -19.45 3.77 1.01
C GLN A 120 -19.78 2.59 1.92
N TYR A 121 -18.90 2.23 2.86
CA TYR A 121 -19.12 1.09 3.76
C TYR A 121 -19.75 1.50 5.06
N SER A 122 -20.97 1.00 5.33
CA SER A 122 -21.67 1.31 6.56
C SER A 122 -20.89 1.19 7.81
N GLN A 123 -20.16 0.08 7.93
CA GLN A 123 -19.42 -0.17 9.15
C GLN A 123 -18.27 0.81 9.40
N ALA A 124 -17.82 1.54 8.40
CA ALA A 124 -16.80 2.59 8.60
C ALA A 124 -17.33 3.82 9.33
N GLY A 125 -18.64 4.02 9.35
CA GLY A 125 -19.18 5.08 10.13
C GLY A 125 -18.71 6.46 9.65
N PHE A 126 -18.66 6.64 8.35
CA PHE A 126 -17.94 7.73 7.70
C PHE A 126 -18.83 8.33 6.62
N SER A 127 -19.27 9.56 6.81
CA SER A 127 -20.18 10.24 5.89
C SER A 127 -19.48 10.91 4.73
N ARG A 128 -20.25 11.33 3.74
CA ARG A 128 -19.72 12.14 2.63
C ARG A 128 -19.15 13.46 3.03
N GLU A 129 -19.76 14.09 4.03
CA GLU A 129 -19.18 15.29 4.67
C GLU A 129 -17.83 14.98 5.33
N ASP A 130 -17.77 13.89 6.10
CA ASP A 130 -16.51 13.43 6.65
C ASP A 130 -15.49 13.23 5.53
N ARG A 131 -15.88 12.60 4.45
CA ARG A 131 -14.96 12.33 3.32
C ARG A 131 -14.31 13.59 2.78
N LEU A 132 -15.12 14.63 2.57
CA LEU A 132 -14.57 15.88 2.04
C LEU A 132 -13.68 16.55 3.01
N GLU A 133 -14.07 16.60 4.28
CA GLU A 133 -13.24 17.16 5.31
C GLU A 133 -11.91 16.43 5.48
N GLN A 134 -11.96 15.13 5.44
CA GLN A 134 -10.74 14.32 5.53
C GLN A 134 -9.87 14.37 4.25
N ALA A 135 -10.50 14.51 3.06
CA ALA A 135 -9.72 14.63 1.84
C ALA A 135 -8.91 15.92 1.88
N LYS A 136 -9.56 17.01 2.32
CA LYS A 136 -8.86 18.22 2.55
C LYS A 136 -7.74 18.11 3.53
N LEU A 137 -8.02 17.48 4.67
CA LEU A 137 -7.02 17.38 5.70
C LEU A 137 -5.85 16.48 5.24
N PHE A 138 -6.17 15.47 4.46
CA PHE A 138 -5.11 14.64 3.87
C PHE A 138 -4.18 15.50 3.01
N CYS A 139 -4.76 16.32 2.13
CA CYS A 139 -3.94 17.14 1.23
C CYS A 139 -3.06 18.10 2.03
N ARG A 140 -3.66 18.79 2.98
CA ARG A 140 -2.92 19.75 3.79
C ARG A 140 -1.81 19.12 4.61
N THR A 141 -2.11 17.97 5.21
CA THR A 141 -1.17 17.24 6.04
C THR A 141 -0.02 16.71 5.21
N LEU A 142 -0.33 16.15 4.03
CA LEU A 142 0.66 15.64 3.14
C LEU A 142 1.59 16.75 2.64
N GLU A 143 1.00 17.87 2.27
CA GLU A 143 1.75 19.02 1.82
C GLU A 143 2.72 19.55 2.87
N ASP A 144 2.25 19.62 4.09
CA ASP A 144 3.07 20.07 5.22
C ASP A 144 4.20 19.10 5.50
N ILE A 145 3.98 17.80 5.32
CA ILE A 145 5.04 16.84 5.49
C ILE A 145 6.11 17.03 4.38
N LEU A 146 5.68 17.09 3.12
CA LEU A 146 6.58 17.24 2.01
C LEU A 146 7.38 18.57 2.00
N ALA A 147 6.77 19.64 2.52
CA ALA A 147 7.41 20.94 2.63
C ALA A 147 8.73 20.86 3.38
N ASP A 148 8.88 19.96 4.33
CA ASP A 148 10.22 19.84 4.94
C ASP A 148 10.75 18.45 4.83
N ALA A 149 10.22 17.68 3.88
CA ALA A 149 10.71 16.34 3.71
C ALA A 149 11.94 16.43 2.85
N PRO A 150 13.06 15.89 3.38
CA PRO A 150 14.32 15.81 2.65
C PRO A 150 14.21 14.97 1.35
N GLN A 153 9.61 17.37 -1.79
CA GLN A 153 8.91 18.16 -2.76
C GLN A 153 9.53 18.21 -4.20
N ASN A 154 10.85 18.22 -4.34
CA ASN A 154 11.47 18.47 -5.64
C ASN A 154 11.24 17.46 -6.76
N ASN A 155 10.79 16.29 -6.35
CA ASN A 155 10.58 15.17 -7.23
C ASN A 155 9.09 14.98 -7.47
N CYS A 156 8.26 15.83 -6.93
CA CYS A 156 6.81 15.62 -7.14
C CYS A 156 6.02 16.88 -7.16
N ARG A 157 4.85 16.80 -7.80
CA ARG A 157 3.93 17.90 -7.85
C ARG A 157 2.53 17.41 -7.56
N LEU A 158 1.87 18.03 -6.58
CA LEU A 158 0.57 17.61 -6.09
C LEU A 158 -0.45 18.55 -6.75
N ILE A 159 -1.54 18.02 -7.29
CA ILE A 159 -2.56 18.85 -7.87
C ILE A 159 -3.89 18.50 -7.28
N ALA A 160 -4.37 19.32 -6.33
CA ALA A 160 -5.68 19.17 -5.75
C ALA A 160 -6.73 20.01 -6.46
N TYR A 161 -7.92 19.45 -6.62
CA TYR A 161 -8.95 20.08 -7.39
C TYR A 161 -10.31 19.58 -7.06
N GLN A 162 -11.30 20.45 -7.20
CA GLN A 162 -12.66 20.06 -7.01
C GLN A 162 -13.49 20.32 -8.25
N GLU A 163 -14.37 19.40 -8.55
CA GLU A 163 -15.24 19.48 -9.71
C GLU A 163 -16.67 19.22 -9.19
N PRO A 164 -17.59 20.20 -9.35
CA PRO A 164 -19.00 19.88 -9.02
C PRO A 164 -19.51 18.68 -9.84
N ALA A 165 -20.54 17.99 -9.35
CA ALA A 165 -20.95 16.72 -9.96
C ALA A 165 -21.61 16.89 -11.33
N ASP A 166 -22.52 17.84 -11.44
CA ASP A 166 -23.27 18.00 -12.69
C ASP A 166 -22.57 18.93 -13.67
N ASP A 167 -21.27 18.84 -13.76
CA ASP A 167 -20.58 19.91 -14.40
C ASP A 167 -19.29 19.54 -15.05
N SER A 168 -19.16 19.81 -16.35
CA SER A 168 -17.98 19.44 -17.13
C SER A 168 -17.23 20.54 -17.89
N SER A 169 -16.97 21.65 -17.26
CA SER A 169 -16.08 22.65 -17.80
C SER A 169 -14.61 22.22 -17.58
N PHE A 170 -14.42 21.10 -16.93
CA PHE A 170 -13.11 20.63 -16.47
C PHE A 170 -12.40 19.69 -17.42
N SER A 171 -11.21 20.07 -17.82
CA SER A 171 -10.34 19.17 -18.58
C SER A 171 -9.11 18.84 -17.77
N LEU A 172 -9.03 17.59 -17.33
CA LEU A 172 -7.92 17.17 -16.45
C LEU A 172 -6.61 17.24 -17.23
N SER A 173 -6.64 16.78 -18.50
CA SER A 173 -5.41 16.87 -19.34
C SER A 173 -4.92 18.27 -19.52
N GLN A 174 -5.86 19.21 -19.73
CA GLN A 174 -5.45 20.62 -19.87
C GLN A 174 -4.84 21.15 -18.62
N GLU A 175 -5.39 20.77 -17.46
CA GLU A 175 -4.80 21.25 -16.21
C GLU A 175 -3.41 20.72 -15.97
N VAL A 176 -3.21 19.43 -16.23
CA VAL A 176 -1.87 18.85 -16.06
C VAL A 176 -0.92 19.55 -17.04
N LEU A 177 -1.37 19.79 -18.25
CA LEU A 177 -0.51 20.51 -19.26
C LEU A 177 -0.11 21.90 -18.82
N ARG A 178 -1.06 22.62 -18.21
CA ARG A 178 -0.71 23.94 -17.65
C ARG A 178 0.43 23.84 -16.69
N HIS A 179 0.40 22.81 -15.82
CA HIS A 179 1.46 22.68 -14.85
C HIS A 179 2.80 22.29 -15.47
N LEU A 180 2.77 21.34 -16.38
CA LEU A 180 3.99 20.99 -17.13
C LEU A 180 4.58 22.20 -17.83
N ARG A 181 3.72 23.04 -18.41
CA ARG A 181 4.27 24.22 -19.11
C ARG A 181 4.87 25.25 -18.19
N GLN A 182 4.20 25.49 -17.06
CA GLN A 182 4.75 26.40 -16.06
C GLN A 182 6.11 25.96 -15.55
N GLU A 183 6.28 24.66 -15.35
CA GLU A 183 7.54 24.13 -14.83
C GLU A 183 8.69 24.38 -15.82
N GLU A 184 8.43 24.25 -17.12
CA GLU A 184 9.40 24.65 -18.17
C GLU A 184 9.36 26.15 -18.28
N LYS A 185 10.28 26.82 -17.59
CA LYS A 185 10.13 28.23 -17.23
C LYS A 185 10.98 28.38 -15.99
N SER B 1 -10.33 8.11 14.44
CA SER B 1 -8.95 7.89 14.99
C SER B 1 -7.93 7.56 13.89
N VAL B 2 -6.63 7.56 14.32
CA VAL B 2 -5.61 7.11 13.41
C VAL B 2 -5.80 5.62 13.03
N ALA B 3 -5.99 4.77 14.04
CA ALA B 3 -6.16 3.34 13.81
C ALA B 3 -7.36 3.00 12.97
N HIS B 4 -8.49 3.71 13.14
CA HIS B 4 -9.69 3.48 12.34
C HIS B 4 -9.40 3.60 10.86
N GLY B 5 -8.75 4.69 10.49
CA GLY B 5 -8.40 4.93 9.12
C GLY B 5 -7.39 3.91 8.58
N LEU B 6 -6.38 3.58 9.37
CA LEU B 6 -5.35 2.67 8.88
C LEU B 6 -5.94 1.24 8.71
N ALA B 7 -6.83 0.82 9.58
CA ALA B 7 -7.43 -0.53 9.45
C ALA B 7 -8.32 -0.61 8.25
N TRP B 8 -9.15 0.42 8.07
CA TRP B 8 -9.97 0.49 6.84
C TRP B 8 -9.13 0.54 5.58
N SER B 9 -8.00 1.26 5.59
CA SER B 9 -7.14 1.35 4.43
C SER B 9 -6.53 -0.01 4.09
N TYR B 10 -6.11 -0.73 5.13
CA TYR B 10 -5.53 -2.08 4.97
C TYR B 10 -6.57 -3.04 4.40
N TYR B 11 -7.80 -2.93 4.80
CA TYR B 11 -8.86 -3.73 4.25
C TYR B 11 -9.13 -3.34 2.80
N ILE B 12 -9.43 -2.05 2.58
CA ILE B 12 -9.85 -1.54 1.24
C ILE B 12 -8.81 -1.71 0.20
N GLY B 13 -7.60 -1.33 0.50
CA GLY B 13 -6.52 -1.26 -0.41
C GLY B 13 -5.68 -2.53 -0.49
N TYR B 14 -5.96 -3.49 0.36
CA TYR B 14 -5.12 -4.71 0.32
C TYR B 14 -5.89 -5.99 0.59
N LEU B 15 -6.43 -6.17 1.81
CA LEU B 15 -7.00 -7.47 2.14
C LEU B 15 -8.25 -7.79 1.30
N ARG B 16 -9.06 -6.78 1.00
CA ARG B 16 -10.26 -7.11 0.18
C ARG B 16 -9.92 -7.49 -1.24
N LEU B 17 -8.76 -7.03 -1.69
CA LEU B 17 -8.24 -7.30 -3.02
C LEU B 17 -7.54 -8.64 -3.10
N ILE B 18 -6.76 -8.99 -2.08
CA ILE B 18 -6.02 -10.28 -2.14
C ILE B 18 -6.72 -11.49 -1.51
N LEU B 19 -7.55 -11.33 -0.49
CA LEU B 19 -8.16 -12.46 0.11
C LEU B 19 -9.06 -13.31 -0.79
N PRO B 20 -9.80 -12.70 -1.73
CA PRO B 20 -10.66 -13.62 -2.56
C PRO B 20 -9.90 -14.63 -3.42
N GLU B 21 -8.70 -14.30 -3.90
CA GLU B 21 -8.00 -15.25 -4.74
C GLU B 21 -6.86 -15.97 -4.02
N LEU B 22 -6.71 -15.73 -2.72
CA LEU B 22 -5.58 -16.27 -1.99
C LEU B 22 -5.59 -17.81 -1.99
N GLN B 23 -6.70 -18.42 -1.65
CA GLN B 23 -6.71 -19.84 -1.53
C GLN B 23 -6.52 -20.56 -2.87
N ALA B 24 -6.94 -19.93 -3.97
CA ALA B 24 -6.66 -20.43 -5.33
C ALA B 24 -5.16 -20.37 -5.68
N ARG B 25 -4.49 -19.28 -5.29
CA ARG B 25 -3.06 -19.16 -5.44
C ARG B 25 -2.35 -20.23 -4.58
N ILE B 26 -2.77 -20.43 -3.33
CA ILE B 26 -2.17 -21.44 -2.48
C ILE B 26 -2.39 -22.89 -3.06
N ARG B 27 -3.60 -23.14 -3.56
CA ARG B 27 -3.92 -24.41 -4.16
C ARG B 27 -3.10 -24.67 -5.39
N THR B 28 -2.86 -23.69 -6.21
CA THR B 28 -1.99 -23.80 -7.35
C THR B 28 -0.62 -24.16 -6.93
N TYR B 29 -0.14 -23.46 -5.90
CA TYR B 29 1.18 -23.68 -5.41
C TYR B 29 1.32 -25.13 -4.89
N ASN B 30 0.42 -25.59 -4.04
CA ASN B 30 0.55 -26.91 -3.44
C ASN B 30 0.32 -28.02 -4.49
N GLN B 31 -0.57 -27.78 -5.42
CA GLN B 31 -0.87 -28.79 -6.41
C GLN B 31 0.31 -28.97 -7.39
N HIS B 32 0.99 -27.89 -7.80
CA HIS B 32 1.98 -27.98 -8.88
C HIS B 32 3.39 -27.84 -8.48
N TYR B 33 3.67 -27.10 -7.39
CA TYR B 33 5.04 -26.75 -7.05
C TYR B 33 5.52 -27.30 -5.72
N ASN B 34 4.65 -27.99 -5.00
CA ASN B 34 4.95 -28.38 -3.64
C ASN B 34 4.20 -29.63 -3.23
N ASN B 35 4.62 -30.78 -3.79
CA ASN B 35 3.93 -32.05 -3.52
C ASN B 35 4.47 -32.78 -2.26
N LEU B 36 4.76 -32.02 -1.21
CA LEU B 36 5.31 -32.59 0.03
C LEU B 36 4.12 -32.90 0.94
N LEU B 37 3.94 -34.18 1.30
CA LEU B 37 2.71 -34.63 1.95
C LEU B 37 2.44 -34.03 3.34
N ARG B 38 3.49 -33.69 4.06
CA ARG B 38 3.33 -32.95 5.31
C ARG B 38 3.85 -31.53 5.22
N GLY B 39 4.05 -31.02 4.00
CA GLY B 39 4.70 -29.75 3.78
C GLY B 39 3.79 -28.76 2.99
N ALA B 40 2.49 -29.02 2.92
CA ALA B 40 1.57 -28.15 2.21
C ALA B 40 1.59 -26.75 2.83
N VAL B 41 1.58 -25.73 1.98
CA VAL B 41 1.36 -24.38 2.42
C VAL B 41 -0.04 -24.30 3.06
N SER B 42 -0.10 -23.78 4.29
CA SER B 42 -1.35 -23.61 4.97
C SER B 42 -2.31 -22.68 4.22
N GLN B 43 -3.59 -22.88 4.43
CA GLN B 43 -4.62 -22.21 3.70
C GLN B 43 -4.93 -20.76 4.11
N ARG B 44 -4.28 -20.23 5.15
CA ARG B 44 -4.58 -18.84 5.55
C ARG B 44 -3.37 -17.92 5.45
N LEU B 45 -3.61 -16.64 5.14
CA LEU B 45 -2.61 -15.61 5.30
C LEU B 45 -2.41 -15.33 6.77
N TYR B 46 -1.19 -15.52 7.28
CA TYR B 46 -0.87 -15.18 8.66
C TYR B 46 -0.28 -13.78 8.72
N ILE B 47 -0.93 -12.87 9.45
CA ILE B 47 -0.54 -11.50 9.57
C ILE B 47 0.01 -11.21 10.95
N LEU B 48 1.29 -10.85 11.04
CA LEU B 48 1.95 -10.58 12.31
C LEU B 48 1.63 -9.18 12.74
N LEU B 49 1.21 -9.04 13.97
CA LEU B 49 0.86 -7.77 14.55
C LEU B 49 1.63 -7.57 15.87
N PRO B 50 2.89 -7.18 15.77
CA PRO B 50 3.68 -6.85 16.94
C PRO B 50 3.13 -5.57 17.54
N LEU B 51 2.74 -5.62 18.80
CA LEU B 51 2.03 -4.47 19.39
C LEU B 51 2.99 -3.29 19.64
N ASP B 52 4.31 -3.50 19.63
CA ASP B 52 5.28 -2.36 19.71
C ASP B 52 5.54 -1.73 18.34
N CYS B 53 4.91 -2.30 17.30
CA CYS B 53 4.99 -1.76 15.93
C CYS B 53 6.37 -1.86 15.34
N GLY B 54 7.16 -2.78 15.85
CA GLY B 54 8.52 -3.06 15.31
C GLY B 54 8.40 -3.99 14.12
N VAL B 55 8.54 -3.44 12.91
CA VAL B 55 8.44 -4.23 11.70
C VAL B 55 9.81 -4.23 10.96
N PRO B 56 10.54 -5.34 10.98
CA PRO B 56 11.78 -5.49 10.16
C PRO B 56 11.49 -5.51 8.66
N ASP B 57 12.41 -5.01 7.85
CA ASP B 57 12.21 -5.13 6.40
C ASP B 57 12.29 -6.58 5.96
N ASN B 58 13.15 -7.33 6.63
CA ASN B 58 13.41 -8.73 6.29
C ASN B 58 12.83 -9.64 7.37
N LEU B 59 11.71 -10.26 7.09
CA LEU B 59 11.06 -11.07 8.11
C LEU B 59 11.94 -12.21 8.60
N SER B 60 12.69 -12.81 7.71
CA SER B 60 13.42 -14.00 8.07
C SER B 60 14.70 -13.76 8.84
N MET B 61 15.21 -12.55 8.85
CA MET B 61 16.47 -12.25 9.60
C MET B 61 16.24 -12.32 11.11
N ALA B 62 15.06 -11.96 11.54
CA ALA B 62 14.72 -11.94 12.96
C ALA B 62 14.40 -13.33 13.60
N ASP B 63 14.81 -14.43 12.97
CA ASP B 63 14.65 -15.80 13.51
C ASP B 63 15.41 -16.72 12.56
N PRO B 64 16.34 -17.53 13.08
CA PRO B 64 17.03 -18.49 12.21
C PRO B 64 16.09 -19.62 11.84
N ASN B 65 14.96 -19.73 12.54
CA ASN B 65 14.03 -20.83 12.29
C ASN B 65 12.89 -20.42 11.35
N ILE B 66 13.00 -19.22 10.77
CA ILE B 66 12.09 -18.81 9.71
C ILE B 66 12.94 -18.66 8.45
N ARG B 67 12.58 -19.38 7.41
CA ARG B 67 13.34 -19.38 6.20
C ARG B 67 12.45 -19.06 5.02
N PHE B 68 12.87 -18.16 4.18
CA PHE B 68 12.15 -17.87 2.98
C PHE B 68 12.19 -19.09 2.09
N LEU B 69 11.03 -19.50 1.55
CA LEU B 69 10.92 -20.60 0.65
C LEU B 69 10.65 -20.18 -0.79
N ASP B 70 9.60 -19.41 -1.00
CA ASP B 70 9.21 -19.03 -2.39
C ASP B 70 8.14 -18.00 -2.31
N LYS B 71 7.69 -17.50 -3.45
CA LYS B 71 6.58 -16.60 -3.50
C LYS B 71 5.39 -17.31 -4.08
N LEU B 72 4.19 -16.89 -3.70
CA LEU B 72 3.00 -17.37 -4.36
C LEU B 72 3.00 -16.80 -5.78
N PRO B 73 2.21 -17.38 -6.67
CA PRO B 73 1.94 -16.74 -7.98
C PRO B 73 1.47 -15.32 -7.75
N GLN B 74 2.00 -14.35 -8.49
CA GLN B 74 1.68 -12.96 -8.27
C GLN B 74 0.25 -12.68 -8.64
N GLN B 75 -0.28 -11.65 -8.01
CA GLN B 75 -1.59 -11.13 -8.33
C GLN B 75 -1.39 -9.72 -8.83
N THR B 76 -1.98 -9.41 -9.97
CA THR B 76 -1.77 -8.11 -10.59
C THR B 76 -3.08 -7.46 -10.97
N GLY B 77 -3.09 -6.12 -10.98
CA GLY B 77 -4.25 -5.37 -11.41
C GLY B 77 -3.98 -3.88 -11.56
N ASP B 78 -4.84 -3.21 -12.35
CA ASP B 78 -4.76 -1.79 -12.51
C ASP B 78 -5.44 -1.13 -11.31
N HIS B 79 -4.79 -0.13 -10.72
CA HIS B 79 -5.37 0.60 -9.58
C HIS B 79 -4.94 2.08 -9.60
N ALA B 80 -5.93 3.00 -9.62
CA ALA B 80 -5.66 4.42 -9.45
C ALA B 80 -4.70 5.02 -10.50
N GLY B 81 -4.79 4.47 -11.70
CA GLY B 81 -3.93 4.85 -12.81
C GLY B 81 -2.56 4.24 -12.78
N ILE B 82 -2.35 3.28 -11.88
CA ILE B 82 -1.11 2.48 -11.88
C ILE B 82 -1.42 1.19 -12.62
N LYS B 83 -0.87 1.06 -13.80
CA LYS B 83 -1.08 -0.13 -14.60
C LYS B 83 -0.31 -1.28 -13.99
N ASP B 84 -0.99 -2.42 -13.89
CA ASP B 84 -0.34 -3.68 -13.53
C ASP B 84 0.33 -3.51 -12.17
N ARG B 85 -0.42 -2.99 -11.20
CA ARG B 85 0.13 -3.01 -9.85
C ARG B 85 0.22 -4.49 -9.37
N VAL B 86 1.32 -4.80 -8.71
CA VAL B 86 1.61 -6.17 -8.26
C VAL B 86 1.45 -6.33 -6.76
N TYR B 87 0.73 -7.39 -6.36
CA TYR B 87 0.56 -7.78 -4.96
C TYR B 87 1.19 -9.18 -4.84
N SER B 88 2.21 -9.24 -4.04
CA SER B 88 3.05 -10.41 -3.86
C SER B 88 2.95 -10.92 -2.42
N ASN B 89 3.04 -12.23 -2.23
CA ASN B 89 3.05 -12.78 -0.89
C ASN B 89 4.12 -13.85 -0.82
N SER B 90 4.77 -13.94 0.32
CA SER B 90 5.96 -14.79 0.48
C SER B 90 5.59 -15.98 1.38
N ILE B 91 6.16 -17.15 1.05
CA ILE B 91 5.94 -18.41 1.77
C ILE B 91 7.19 -18.71 2.54
N TYR B 92 7.05 -19.03 3.83
CA TYR B 92 8.17 -19.34 4.68
C TYR B 92 8.02 -20.71 5.26
N GLU B 93 9.17 -21.36 5.49
CA GLU B 93 9.18 -22.54 6.31
C GLU B 93 9.54 -22.15 7.71
N LEU B 94 8.92 -22.84 8.64
CA LEU B 94 9.12 -22.66 10.05
C LEU B 94 9.81 -23.96 10.52
N LEU B 95 11.01 -23.78 11.01
CA LEU B 95 11.84 -24.89 11.49
C LEU B 95 11.68 -25.08 12.98
N GLU B 96 11.71 -26.33 13.42
CA GLU B 96 11.71 -26.67 14.83
C GLU B 96 12.61 -27.92 14.99
N ASN B 97 13.56 -27.86 15.90
CA ASN B 97 14.55 -28.95 16.02
C ASN B 97 15.15 -29.34 14.71
N GLY B 98 15.51 -28.35 13.92
CA GLY B 98 16.06 -28.60 12.58
C GLY B 98 15.14 -29.16 11.48
N GLN B 99 13.88 -29.48 11.80
CA GLN B 99 12.93 -29.96 10.78
C GLN B 99 11.95 -28.87 10.30
N ARG B 100 11.47 -28.99 9.07
CA ARG B 100 10.34 -28.19 8.55
C ARG B 100 9.08 -28.58 9.30
N ALA B 101 8.59 -27.70 10.18
CA ALA B 101 7.44 -28.02 11.01
C ALA B 101 6.19 -27.32 10.55
N GLY B 102 6.36 -26.27 9.77
CA GLY B 102 5.20 -25.62 9.18
C GLY B 102 5.65 -24.88 7.96
N THR B 103 4.67 -24.55 7.13
CA THR B 103 4.90 -23.81 5.92
C THR B 103 3.68 -22.89 5.75
N CYS B 104 3.92 -21.59 5.63
CA CYS B 104 2.79 -20.67 5.53
C CYS B 104 3.15 -19.36 4.86
N VAL B 105 2.11 -18.69 4.38
CA VAL B 105 2.20 -17.41 3.81
C VAL B 105 2.13 -16.42 5.01
N LEU B 106 3.17 -15.64 5.15
CA LEU B 106 3.41 -14.88 6.38
C LEU B 106 3.85 -13.51 6.03
N GLU B 107 3.40 -12.51 6.79
CA GLU B 107 3.91 -11.14 6.63
C GLU B 107 3.50 -10.28 7.78
N TYR B 108 4.19 -9.19 7.96
CA TYR B 108 3.75 -8.18 8.94
C TYR B 108 2.66 -7.32 8.41
N ALA B 109 1.81 -6.82 9.31
CA ALA B 109 0.77 -5.83 8.94
C ALA B 109 1.46 -4.51 8.65
N THR B 110 1.51 -4.13 7.40
CA THR B 110 2.17 -2.92 7.00
C THR B 110 1.76 -1.63 7.71
N PRO B 111 0.46 -1.46 8.09
CA PRO B 111 0.16 -0.22 8.77
C PRO B 111 0.88 0.00 10.06
N LEU B 112 1.36 -1.09 10.71
CA LEU B 112 2.11 -0.92 11.93
C LEU B 112 3.38 -0.10 11.72
N GLN B 113 4.00 -0.23 10.55
CA GLN B 113 5.17 0.60 10.22
C GLN B 113 4.81 2.09 10.25
N THR B 114 3.60 2.45 9.81
CA THR B 114 3.11 3.81 9.87
C THR B 114 2.98 4.31 11.29
N LEU B 115 2.45 3.48 12.19
CA LEU B 115 2.27 3.91 13.56
C LEU B 115 3.69 4.12 14.19
N PHE B 116 4.59 3.23 13.87
CA PHE B 116 5.94 3.38 14.38
C PHE B 116 6.55 4.67 13.90
N ALA B 117 6.54 4.88 12.60
CA ALA B 117 7.11 6.18 12.06
C ALA B 117 6.46 7.44 12.65
N MET B 118 5.14 7.46 12.80
CA MET B 118 4.46 8.56 13.40
C MET B 118 4.94 8.82 14.82
N SER B 119 5.26 7.78 15.58
CA SER B 119 5.78 7.98 16.89
C SER B 119 7.22 8.52 16.88
N GLN B 120 7.93 8.35 15.78
CA GLN B 120 9.31 8.83 15.65
C GLN B 120 9.40 10.28 15.20
N TYR B 121 8.44 10.77 14.44
CA TYR B 121 8.52 12.07 13.78
C TYR B 121 7.76 13.13 14.49
N SER B 122 8.48 14.19 14.87
CA SER B 122 7.90 15.32 15.61
C SER B 122 6.68 15.88 15.00
N GLN B 123 6.68 15.96 13.70
CA GLN B 123 5.61 16.66 13.01
C GLN B 123 4.32 15.87 13.06
N ALA B 124 4.38 14.57 13.37
CA ALA B 124 3.16 13.77 13.50
C ALA B 124 2.40 13.98 14.77
N GLY B 125 3.01 14.62 15.78
CA GLY B 125 2.38 14.90 17.05
C GLY B 125 1.80 13.69 17.71
N PHE B 126 2.57 12.61 17.73
CA PHE B 126 2.04 11.28 18.02
C PHE B 126 3.02 10.62 18.98
N SER B 127 2.59 10.37 20.22
CA SER B 127 3.50 9.82 21.22
C SER B 127 3.67 8.32 21.20
N ARG B 128 4.66 7.82 21.94
CA ARG B 128 4.80 6.37 22.06
C ARG B 128 3.59 5.74 22.76
N GLU B 129 3.01 6.47 23.68
CA GLU B 129 1.79 6.02 24.34
C GLU B 129 0.62 5.94 23.34
N ASP B 130 0.47 6.96 22.52
CA ASP B 130 -0.52 6.94 21.40
C ASP B 130 -0.26 5.71 20.54
N ARG B 131 0.99 5.43 20.23
CA ARG B 131 1.31 4.33 19.34
C ARG B 131 0.77 3.02 19.92
N LEU B 132 1.01 2.76 21.20
CA LEU B 132 0.53 1.49 21.79
C LEU B 132 -0.98 1.38 21.78
N GLU B 133 -1.63 2.48 22.17
CA GLU B 133 -3.09 2.59 22.15
C GLU B 133 -3.64 2.36 20.74
N GLN B 134 -3.08 3.04 19.75
CA GLN B 134 -3.57 2.86 18.37
C GLN B 134 -3.24 1.48 17.78
N ALA B 135 -2.12 0.88 18.16
CA ALA B 135 -1.81 -0.46 17.67
C ALA B 135 -2.91 -1.44 18.14
N LYS B 136 -3.28 -1.33 19.42
CA LYS B 136 -4.32 -2.19 20.00
C LYS B 136 -5.65 -1.96 19.33
N LEU B 137 -5.98 -0.71 19.10
CA LEU B 137 -7.20 -0.36 18.37
C LEU B 137 -7.19 -0.80 16.91
N PHE B 138 -6.03 -0.71 16.28
CA PHE B 138 -5.87 -1.20 14.92
C PHE B 138 -6.24 -2.69 14.85
N CYS B 139 -5.68 -3.44 15.79
CA CYS B 139 -5.95 -4.88 15.82
C CYS B 139 -7.45 -5.17 16.02
N ARG B 140 -8.07 -4.49 16.98
CA ARG B 140 -9.50 -4.68 17.25
C ARG B 140 -10.35 -4.31 16.09
N THR B 141 -9.98 -3.22 15.44
CA THR B 141 -10.80 -2.71 14.34
C THR B 141 -10.68 -3.68 13.15
N LEU B 142 -9.48 -4.17 12.91
CA LEU B 142 -9.24 -5.10 11.82
C LEU B 142 -9.95 -6.41 12.05
N GLU B 143 -9.92 -6.92 13.28
CA GLU B 143 -10.70 -8.10 13.59
C GLU B 143 -12.17 -7.90 13.32
N ASP B 144 -12.74 -6.76 13.73
CA ASP B 144 -14.16 -6.48 13.47
C ASP B 144 -14.48 -6.36 11.99
N ILE B 145 -13.59 -5.71 11.23
CA ILE B 145 -13.80 -5.62 9.79
C ILE B 145 -13.80 -7.01 9.17
N LEU B 146 -12.79 -7.81 9.50
CA LEU B 146 -12.66 -9.14 8.87
C LEU B 146 -13.78 -10.11 9.25
N ALA B 147 -14.30 -9.99 10.46
CA ALA B 147 -15.43 -10.79 10.89
C ALA B 147 -16.62 -10.59 10.02
N ASP B 148 -16.88 -9.35 9.58
CA ASP B 148 -18.05 -9.06 8.72
C ASP B 148 -17.78 -9.09 7.22
N ALA B 149 -16.51 -9.12 6.85
CA ALA B 149 -16.12 -8.98 5.44
C ALA B 149 -16.39 -10.29 4.69
N PRO B 150 -17.01 -10.18 3.50
CA PRO B 150 -17.30 -11.38 2.71
C PRO B 150 -16.02 -12.03 2.16
N GLU B 151 -14.93 -11.27 2.06
CA GLU B 151 -13.69 -11.80 1.48
C GLU B 151 -12.93 -12.71 2.46
N SER B 152 -13.17 -12.52 3.75
CA SER B 152 -12.47 -13.23 4.80
C SER B 152 -13.31 -14.46 5.15
N GLN B 153 -12.82 -15.63 4.73
CA GLN B 153 -13.55 -16.91 4.91
C GLN B 153 -12.51 -18.00 5.22
N ASN B 154 -12.16 -18.17 6.47
CA ASN B 154 -11.09 -19.09 6.88
C ASN B 154 -9.83 -18.98 6.06
N ASN B 155 -9.44 -17.72 5.77
CA ASN B 155 -8.30 -17.50 4.92
C ASN B 155 -7.32 -16.44 5.44
N CYS B 156 -7.54 -16.02 6.67
CA CYS B 156 -6.72 -14.96 7.26
C CYS B 156 -6.65 -15.20 8.78
N ARG B 157 -5.46 -15.07 9.36
CA ARG B 157 -5.33 -15.20 10.82
C ARG B 157 -4.43 -14.07 11.29
N LEU B 158 -4.89 -13.29 12.23
CA LEU B 158 -4.09 -12.29 12.86
C LEU B 158 -3.38 -12.85 14.06
N ILE B 159 -2.09 -12.56 14.15
CA ILE B 159 -1.27 -12.97 15.23
C ILE B 159 -0.68 -11.76 15.93
N ALA B 160 -1.28 -11.40 17.06
CA ALA B 160 -0.89 -10.23 17.85
C ALA B 160 -0.06 -10.67 19.00
N TYR B 161 0.97 -9.90 19.36
CA TYR B 161 1.88 -10.32 20.39
C TYR B 161 2.66 -9.14 20.87
N GLN B 162 3.09 -9.21 22.12
CA GLN B 162 3.72 -8.06 22.74
C GLN B 162 5.25 -7.90 22.54
N GLU B 163 5.90 -8.97 22.26
CA GLU B 163 7.37 -8.98 22.37
C GLU B 163 8.09 -8.19 21.28
N PRO B 164 9.18 -7.49 21.66
CA PRO B 164 10.08 -6.79 20.74
C PRO B 164 10.73 -7.75 19.75
N ALA B 165 11.06 -7.26 18.55
CA ALA B 165 11.70 -8.10 17.55
C ALA B 165 13.11 -8.52 18.00
N ASP B 166 13.69 -7.79 18.96
CA ASP B 166 15.04 -8.12 19.45
C ASP B 166 14.97 -9.00 20.72
N ASP B 167 14.00 -9.93 20.68
CA ASP B 167 13.62 -10.82 21.76
C ASP B 167 14.57 -11.39 22.79
N SER B 168 15.56 -12.14 22.30
CA SER B 168 16.35 -13.07 23.09
C SER B 168 15.64 -14.37 23.47
N SER B 169 14.56 -14.31 24.24
CA SER B 169 13.84 -15.54 24.62
C SER B 169 12.71 -15.88 23.60
N PHE B 170 11.96 -14.87 23.18
CA PHE B 170 10.79 -15.05 22.27
C PHE B 170 11.23 -15.65 20.93
N SER B 171 10.46 -16.61 20.42
CA SER B 171 10.70 -17.17 19.11
C SER B 171 9.51 -16.85 18.22
N LEU B 172 9.74 -16.08 17.15
CA LEU B 172 8.63 -15.78 16.24
C LEU B 172 8.11 -17.04 15.58
N SER B 173 9.00 -17.94 15.20
CA SER B 173 8.58 -19.17 14.59
C SER B 173 7.71 -19.99 15.51
N GLN B 174 8.09 -20.04 16.78
CA GLN B 174 7.23 -20.75 17.75
C GLN B 174 5.86 -20.10 17.91
N GLU B 175 5.83 -18.78 17.87
CA GLU B 175 4.55 -18.08 17.97
C GLU B 175 3.65 -18.44 16.79
N VAL B 176 4.20 -18.43 15.57
CA VAL B 176 3.40 -18.80 14.41
C VAL B 176 3.03 -20.29 14.45
N LEU B 177 4.00 -21.17 14.76
CA LEU B 177 3.71 -22.62 14.83
C LEU B 177 2.61 -22.97 15.79
N ARG B 178 2.52 -22.26 16.90
CA ARG B 178 1.45 -22.53 17.88
C ARG B 178 0.11 -22.28 17.29
N HIS B 179 -0.02 -21.23 16.48
CA HIS B 179 -1.30 -20.96 15.83
C HIS B 179 -1.58 -21.89 14.69
N LEU B 180 -0.57 -22.20 13.88
CA LEU B 180 -0.74 -23.16 12.79
C LEU B 180 -1.23 -24.49 13.29
N ARG B 181 -0.65 -24.94 14.42
CA ARG B 181 -1.05 -26.20 15.02
C ARG B 181 -2.45 -26.22 15.62
N GLN B 182 -3.02 -25.07 15.95
CA GLN B 182 -4.41 -25.05 16.43
C GLN B 182 -5.50 -25.23 15.38
N GLU B 183 -5.20 -25.05 14.12
CA GLU B 183 -6.27 -25.11 13.11
C GLU B 183 -6.71 -26.55 12.86
P PO4 C . -0.23 25.31 6.57
O1 PO4 C . 0.95 25.41 7.52
O2 PO4 C . -1.20 26.42 6.85
O3 PO4 C . 0.37 25.49 5.17
O4 PO4 C . -0.96 23.99 6.69
OAC 1YC D . 1.27 -5.03 -1.67
OAC 1YC D . 2.56 0.54 -5.18
CBC 1YC D . 1.01 -4.76 -0.50
CBC 1YC D . 1.92 1.49 -4.69
NAT 1YC D . 1.51 -5.62 0.46
NAT 1YC D . 1.41 2.44 -5.55
CBA 1YC D . 1.27 -5.34 1.79
CBA 1YC D . 0.71 3.51 -5.05
NAA 1YC D . 1.76 -6.17 2.71
NAA 1YC D . 0.24 4.42 -5.91
NAS 1YC D . 0.50 -4.27 2.12
NAS 1YC D . 0.48 3.62 -3.73
CBG 1YC D . -0.01 -3.45 1.16
CBG 1YC D . 0.99 2.70 -2.90
CBE 1YC D . 0.24 -3.69 -0.14
CBE 1YC D . 1.68 1.63 -3.38
NAR 1YC D . -0.41 -2.77 -0.85
NAR 1YC D . 2.04 0.88 -2.33
CAL 1YC D . -1.02 -1.93 0.01
CAL 1YC D . 1.57 1.48 -1.23
NBQ 1YC D . -0.80 -2.38 1.25
NBQ 1YC D . 0.91 2.60 -1.56
CBO 1YC D . -1.27 -1.74 2.49
CBO 1YC D . 0.22 3.51 -0.67
OAX 1YC D . -2.67 -1.58 2.47
OAX 1YC D . 1.15 4.03 0.20
CBK 1YC D . -3.02 -0.21 2.84
CBK 1YC D . 0.61 4.02 1.54
CAN 1YC D . -3.58 0.60 1.66
CAN 1YC D . 1.41 3.00 2.36
OP3 1YC D . -2.67 0.58 0.58
OP3 1YC D . 1.22 1.72 1.89
P2' 1YC D . -2.85 1.54 -0.72
P2' 1YC D . 1.80 0.40 2.69
O2' 1YC D . -2.17 2.88 -0.31
O2' 1YC D . 0.51 -0.27 3.27
OP2 1YC D . -4.33 1.79 -0.93
OP2 1YC D . 2.51 0.89 3.93
OP1 1YC D . -2.09 0.83 -1.85
OP1 1YC D . 2.45 -0.49 1.64
CBI 1YC D . -1.76 0.41 3.34
CBI 1YC D . -0.81 3.68 1.39
OAE 1YC D . -1.63 0.14 4.73
OAE 1YC D . -1.55 4.88 1.17
CBM 1YC D . -0.72 -0.34 2.57
CBM 1YC D . -0.86 2.83 0.21
OAZ 1YC D . 0.54 -0.33 3.29
OAZ 1YC D . -2.16 2.92 -0.36
PBS 1YC D . 1.79 0.46 2.68
PBS 1YC D . -2.90 1.61 -0.64
OAH 1YC D . 2.39 -0.54 1.63
OAH 1YC D . -2.20 0.98 -1.86
OAI 1YC D . 2.78 0.88 3.76
OAI 1YC D . -4.37 1.82 -0.84
O5' 1YC D . 1.28 1.76 1.83
O5' 1YC D . -2.71 0.61 0.59
C5' 1YC D . 1.26 2.96 2.48
C5' 1YC D . -3.59 0.58 1.68
C4' 1YC D . 0.63 4.00 1.56
C4' 1YC D . -2.99 -0.23 2.84
O4' 1YC D . 1.20 3.96 0.23
O4' 1YC D . -2.61 -1.58 2.42
C3' 1YC D . -0.81 3.65 1.39
C3' 1YC D . -1.75 0.40 3.34
O3' 1YC D . -1.59 4.81 1.13
O3' 1YC D . -1.61 0.14 4.74
C2' 1YC D . -0.84 2.81 0.21
C2' 1YC D . -0.70 -0.31 2.55
C1' 1YC D . 0.21 3.52 -0.66
C1' 1YC D . -1.23 -1.72 2.50
N9 1YC D . 0.92 2.62 -1.54
N9 1YC D . -0.77 -2.40 1.28
C8 1YC D . 1.65 1.53 -1.20
C8 1YC D . -1.05 -2.05 0.04
N7 1YC D . 2.12 0.96 -2.32
N7 1YC D . -0.44 -2.91 -0.79
C5 1YC D . 1.68 1.67 -3.37
C5 1YC D . 0.28 -3.74 -0.04
C4 1YC D . 0.94 2.71 -2.88
C4 1YC D . 0.05 -3.43 1.23
N3 1YC D . 0.36 3.60 -3.69
N3 1YC D . 0.62 -4.16 2.21
C2 1YC D . 0.56 3.46 -5.07
C2 1YC D . 1.46 -5.25 1.91
N1 1YC D . 1.32 2.42 -5.55
N1 1YC D . 1.64 -5.57 0.57
C6 1YC D . 1.87 1.54 -4.70
C6 1YC D . 1.08 -4.80 -0.36
N6 1YC D . 2.62 0.52 -5.15
N6 1YC D . 1.27 -5.08 -1.64
#